data_9BA0
#
_entry.id   9BA0
#
_cell.length_a   1.00
_cell.length_b   1.00
_cell.length_c   1.00
_cell.angle_alpha   90.00
_cell.angle_beta   90.00
_cell.angle_gamma   90.00
#
_symmetry.space_group_name_H-M   'P 1'
#
loop_
_entity.id
_entity.type
_entity.pdbx_description
1 polymer 'Cannabinoid receptor 1,Glycogen synthase'
2 polymer CNb36
3 non-polymer N-(N-{(E)-[(4S)-3-(4-chlorophenyl)-4-phenyl-4,5-dihydro-1H-pyrazol-1-yl][4-(trifluoromethyl)benzene-1-sulfonamido]methylidene}carbamimidoyl)acetamide
#
loop_
_entity_poly.entity_id
_entity_poly.type
_entity_poly.pdbx_seq_one_letter_code
_entity_poly.pdbx_strand_id
1 'polypeptide(L)'
;DYKDDDDAMDQVNITEFYNKSLSSFENLYFQGGIQCGENFMDIECFMVLNPSQQLAIAVLSLTLGTFTVLENLLVLCVIL
HSRSLRCRPSYHFIGSLAVADLLGSVIFVYSFIDFHVFHRKDSRNVFLFKLGGVTASFTAKVGSLFLAAIDRYISIHRPL
AYKRIVTRPKAVVAFCLMWTIAIVIAVLPLLGWNCEKLQSVCSDIFPHIDKTYLMFWIGVVSVLLLFIVYAYMYILWKAG
IDCSFWNESYLTGSRDERKKSLLSKFGMDEGVTFMFIGRFDRGQKGVDVLLKAIEILSSKKEFQEMRFIIIGKGDPELEG
WARSLEEKHGNVKVITEMLSREFVRELYGSVDFVIIPSYFEPFGLVALEAMCLGAIPIASAVGGLRDIITNETGILVKAG
DPGELANAILKALELSRSDLSKFRENCKKRAMSFSDQARMDIELAKTLVLILVVLIICWGPLLAIMVYDVFGKMNKLIKT
VFAFCSMLCLLNSTVNPIIYALRSKDLRHAFRSMFPSCENLYFQGHHHHHHHHHH
;
R
2 'polypeptide(L)'
;QVQLQESGGGLVQAGGSLRLSCAASGTIFGPDVMGWYRQAPGKERELVAGISNGANTYYADSVKGRFTISRDNAKNTVYL
QMNSLKPEDTAVYYCAAEVLDYTFAYLYHAYWGQGTQVTVSSHHHHHH
;
N
#
loop_
_chem_comp.id
_chem_comp.type
_chem_comp.name
_chem_comp.formula
A1AKN non-polymer N-(N-{(E)-[(4S)-3-(4-chlorophenyl)-4-phenyl-4,5-dihydro-1H-pyrazol-1-yl][4-(trifluoromethyl)benzene-1-sulfonamido]methylidene}carbamimidoyl)acetamide 'C26 H22 Cl F3 N6 O3 S'
#
# COMPACT_ATOMS: atom_id res chain seq x y z
N GLU A 38 0.94 -16.68 47.97
CA GLU A 38 0.04 -16.19 46.93
C GLU A 38 0.37 -14.74 46.57
N ASN A 39 1.65 -14.42 46.59
CA ASN A 39 2.13 -13.08 46.26
C ASN A 39 2.63 -13.04 44.83
N PHE A 40 2.46 -11.89 44.19
CA PHE A 40 3.01 -11.71 42.85
C PHE A 40 4.52 -11.63 42.91
N MET A 41 5.18 -12.38 42.03
CA MET A 41 6.64 -12.53 42.05
C MET A 41 7.12 -13.07 43.39
N ASP A 42 6.59 -14.24 43.76
CA ASP A 42 6.99 -14.90 45.01
C ASP A 42 8.37 -15.54 44.81
N ILE A 43 9.39 -14.98 45.46
CA ILE A 43 10.75 -15.46 45.33
C ILE A 43 11.13 -16.43 46.44
N GLU A 44 10.16 -16.82 47.28
CA GLU A 44 10.45 -17.72 48.39
C GLU A 44 10.93 -19.08 47.91
N CYS A 45 10.54 -19.48 46.70
CA CYS A 45 11.01 -20.74 46.15
C CYS A 45 12.46 -20.61 45.68
N PHE A 46 13.05 -21.75 45.31
CA PHE A 46 14.42 -21.83 44.83
C PHE A 46 15.40 -21.29 45.89
N MET A 47 15.43 -21.99 47.01
CA MET A 47 16.36 -21.68 48.09
C MET A 47 17.77 -22.20 47.82
N VAL A 48 18.07 -22.62 46.59
CA VAL A 48 19.39 -23.12 46.26
C VAL A 48 20.43 -22.03 46.41
N LEU A 49 20.13 -20.84 45.93
CA LEU A 49 21.11 -19.75 45.96
C LEU A 49 21.33 -19.27 47.38
N ASN A 50 22.59 -18.97 47.69
CA ASN A 50 23.00 -18.41 48.97
C ASN A 50 22.42 -17.01 49.13
N PRO A 51 21.96 -16.64 50.33
CA PRO A 51 21.53 -15.25 50.57
C PRO A 51 22.58 -14.20 50.22
N SER A 52 23.82 -14.62 49.96
CA SER A 52 24.85 -13.69 49.53
C SER A 52 24.51 -13.07 48.18
N GLN A 53 24.00 -13.87 47.24
CA GLN A 53 23.67 -13.37 45.91
C GLN A 53 22.25 -12.86 45.80
N GLN A 54 21.48 -12.86 46.89
CA GLN A 54 20.16 -12.24 46.87
C GLN A 54 20.26 -10.76 46.54
N LEU A 55 21.23 -10.07 47.15
CA LEU A 55 21.43 -8.66 46.85
C LEU A 55 21.83 -8.46 45.39
N ALA A 56 22.68 -9.34 44.86
CA ALA A 56 23.06 -9.23 43.45
C ALA A 56 21.86 -9.41 42.53
N ILE A 57 21.02 -10.40 42.82
CA ILE A 57 19.82 -10.63 42.01
C ILE A 57 18.90 -9.40 42.09
N ALA A 58 18.72 -8.85 43.29
CA ALA A 58 17.87 -7.69 43.45
C ALA A 58 18.39 -6.49 42.67
N VAL A 59 19.70 -6.23 42.76
CA VAL A 59 20.24 -5.06 42.08
C VAL A 59 20.19 -5.25 40.57
N LEU A 60 20.42 -6.47 40.09
CA LEU A 60 20.27 -6.72 38.65
C LEU A 60 18.83 -6.47 38.20
N SER A 61 17.86 -6.92 39.00
CA SER A 61 16.46 -6.69 38.64
C SER A 61 16.13 -5.20 38.60
N LEU A 62 16.57 -4.45 39.61
CA LEU A 62 16.32 -3.01 39.62
C LEU A 62 16.99 -2.31 38.43
N THR A 63 18.23 -2.66 38.13
CA THR A 63 18.90 -2.04 37.00
C THR A 63 18.20 -2.35 35.69
N LEU A 64 17.80 -3.60 35.49
CA LEU A 64 17.10 -3.97 34.25
C LEU A 64 15.78 -3.22 34.14
N GLY A 65 14.99 -3.19 35.22
CA GLY A 65 13.71 -2.50 35.16
C GLY A 65 13.86 -1.01 34.93
N THR A 66 14.79 -0.37 35.64
CA THR A 66 15.00 1.06 35.48
C THR A 66 15.50 1.39 34.07
N PHE A 67 16.40 0.57 33.53
CA PHE A 67 16.87 0.79 32.17
C PHE A 67 15.75 0.67 31.17
N THR A 68 14.89 -0.35 31.33
CA THR A 68 13.75 -0.50 30.43
C THR A 68 12.84 0.71 30.51
N VAL A 69 12.51 1.16 31.72
CA VAL A 69 11.62 2.30 31.88
C VAL A 69 12.22 3.55 31.25
N LEU A 70 13.52 3.79 31.49
CA LEU A 70 14.16 4.99 30.97
C LEU A 70 14.22 4.97 29.44
N GLU A 71 14.57 3.83 28.84
CA GLU A 71 14.66 3.80 27.39
C GLU A 71 13.29 3.87 26.74
N ASN A 72 12.26 3.26 27.35
CA ASN A 72 10.91 3.39 26.83
C ASN A 72 10.43 4.83 26.90
N LEU A 73 10.72 5.52 28.02
CA LEU A 73 10.35 6.92 28.13
C LEU A 73 11.09 7.77 27.10
N LEU A 74 12.38 7.46 26.86
CA LEU A 74 13.15 8.20 25.87
C LEU A 74 12.55 8.01 24.47
N VAL A 75 12.21 6.77 24.13
CA VAL A 75 11.62 6.49 22.83
C VAL A 75 10.28 7.22 22.67
N LEU A 76 9.45 7.18 23.72
CA LEU A 76 8.16 7.87 23.66
C LEU A 76 8.34 9.37 23.51
N CYS A 77 9.29 9.95 24.25
CA CYS A 77 9.55 11.39 24.14
C CYS A 77 10.04 11.75 22.74
N VAL A 78 10.93 10.94 22.18
CA VAL A 78 11.43 11.20 20.82
C VAL A 78 10.28 11.14 19.83
N ILE A 79 9.40 10.14 19.95
CA ILE A 79 8.28 10.01 19.03
C ILE A 79 7.34 11.20 19.16
N LEU A 80 7.03 11.60 20.39
CA LEU A 80 6.03 12.64 20.60
C LEU A 80 6.56 14.04 20.26
N HIS A 81 7.87 14.25 20.41
CA HIS A 81 8.44 15.58 20.18
C HIS A 81 8.91 15.78 18.75
N SER A 82 8.73 14.79 17.87
CA SER A 82 9.08 14.91 16.46
C SER A 82 7.79 14.92 15.65
N ARG A 83 7.44 16.09 15.09
CA ARG A 83 6.17 16.22 14.38
C ARG A 83 6.14 15.35 13.13
N SER A 84 7.28 15.15 12.49
CA SER A 84 7.33 14.29 11.30
C SER A 84 7.00 12.84 11.65
N LEU A 85 7.50 12.36 12.80
CA LEU A 85 7.32 10.96 13.14
C LEU A 85 5.88 10.65 13.56
N ARG A 86 5.28 11.53 14.37
CA ARG A 86 3.97 11.22 14.92
C ARG A 86 2.85 11.36 13.89
N CYS A 87 3.07 12.09 12.81
CA CYS A 87 2.05 12.27 11.79
C CYS A 87 2.04 11.16 10.76
N ARG A 88 2.95 10.20 10.86
CA ARG A 88 3.00 9.08 9.91
C ARG A 88 2.32 7.87 10.53
N PRO A 89 1.21 7.39 9.95
CA PRO A 89 0.59 6.17 10.49
C PRO A 89 1.51 4.96 10.46
N SER A 90 2.40 4.89 9.47
CA SER A 90 3.27 3.73 9.33
C SER A 90 4.18 3.51 10.53
N TYR A 91 4.41 4.55 11.33
CA TYR A 91 5.23 4.43 12.53
C TYR A 91 4.41 4.38 13.80
N HIS A 92 3.08 4.52 13.70
CA HIS A 92 2.23 4.59 14.89
C HIS A 92 2.41 3.37 15.78
N PHE A 93 2.64 2.19 15.18
CA PHE A 93 2.83 0.98 15.97
C PHE A 93 3.93 1.15 17.00
N ILE A 94 5.00 1.86 16.63
CA ILE A 94 6.08 2.10 17.59
C ILE A 94 5.53 2.82 18.82
N GLY A 95 4.79 3.91 18.59
CA GLY A 95 4.19 4.63 19.69
C GLY A 95 3.28 3.77 20.55
N SER A 96 2.72 2.72 19.95
CA SER A 96 1.97 1.75 20.75
C SER A 96 2.92 0.82 21.50
N LEU A 97 3.86 0.20 20.78
CA LEU A 97 4.67 -0.86 21.36
C LEU A 97 5.46 -0.36 22.56
N ALA A 98 6.11 0.80 22.42
CA ALA A 98 6.85 1.38 23.54
C ALA A 98 5.95 1.56 24.74
N VAL A 99 4.72 2.07 24.53
CA VAL A 99 3.79 2.23 25.64
C VAL A 99 3.54 0.88 26.30
N ALA A 100 3.31 -0.16 25.49
CA ALA A 100 3.17 -1.49 26.05
C ALA A 100 4.43 -1.90 26.79
N ASP A 101 5.60 -1.62 26.20
CA ASP A 101 6.85 -1.92 26.87
C ASP A 101 6.98 -1.16 28.18
N LEU A 102 6.33 0.00 28.28
CA LEU A 102 6.28 0.70 29.56
C LEU A 102 5.38 -0.02 30.55
N LEU A 103 4.20 -0.45 30.09
CA LEU A 103 3.22 -1.02 31.00
C LEU A 103 3.75 -2.28 31.67
N GLY A 104 4.44 -3.13 30.91
CA GLY A 104 5.04 -4.32 31.48
C GLY A 104 6.32 -4.08 32.26
N SER A 105 6.90 -2.89 32.17
CA SER A 105 8.15 -2.62 32.87
C SER A 105 7.91 -1.93 34.21
N VAL A 106 7.24 -0.78 34.19
CA VAL A 106 7.04 0.00 35.41
C VAL A 106 6.38 -0.86 36.47
N ILE A 107 5.31 -1.56 36.10
CA ILE A 107 4.59 -2.41 37.04
C ILE A 107 5.57 -3.39 37.68
N PHE A 108 6.41 -4.02 36.86
CA PHE A 108 7.40 -4.96 37.39
C PHE A 108 8.23 -4.29 38.48
N VAL A 109 8.79 -3.12 38.18
CA VAL A 109 9.57 -2.40 39.19
C VAL A 109 8.70 -2.12 40.40
N TYR A 110 7.48 -1.63 40.17
CA TYR A 110 6.55 -1.41 41.28
C TYR A 110 6.26 -2.72 41.99
N SER A 111 6.02 -3.79 41.22
CA SER A 111 5.75 -5.07 41.83
C SER A 111 6.96 -5.64 42.55
N PHE A 112 8.15 -5.09 42.29
CA PHE A 112 9.32 -5.50 43.04
C PHE A 112 9.50 -4.67 44.30
N ILE A 113 8.98 -3.44 44.29
CA ILE A 113 9.11 -2.57 45.46
C ILE A 113 8.24 -3.08 46.61
N ASP A 114 7.00 -3.46 46.31
CA ASP A 114 6.05 -3.84 47.34
C ASP A 114 6.24 -5.27 47.83
N PHE A 115 7.34 -5.93 47.50
CA PHE A 115 7.60 -7.27 48.05
C PHE A 115 8.92 -7.35 48.81
N HIS A 116 10.00 -6.80 48.26
CA HIS A 116 11.32 -6.95 48.85
C HIS A 116 11.70 -5.79 49.76
N VAL A 117 11.80 -4.58 49.22
CA VAL A 117 12.20 -3.44 50.04
C VAL A 117 11.09 -3.07 51.02
N PHE A 118 9.84 -3.15 50.58
CA PHE A 118 8.68 -3.06 51.45
C PHE A 118 7.96 -4.39 51.40
N HIS A 119 7.69 -4.96 52.57
CA HIS A 119 7.13 -6.31 52.67
C HIS A 119 5.60 -6.31 52.67
N ARG A 120 4.98 -5.30 52.08
CA ARG A 120 3.52 -5.21 52.03
C ARG A 120 2.91 -6.37 51.26
N LYS A 121 2.19 -7.25 51.96
CA LYS A 121 1.50 -8.34 51.31
C LYS A 121 0.38 -7.82 50.41
N ASP A 122 0.16 -8.52 49.30
CA ASP A 122 -0.81 -8.10 48.29
C ASP A 122 -2.11 -8.89 48.43
N SER A 123 -3.22 -8.17 48.35
CA SER A 123 -4.54 -8.79 48.41
C SER A 123 -4.89 -9.37 47.04
N ARG A 124 -6.13 -9.82 46.88
CA ARG A 124 -6.53 -10.42 45.61
C ARG A 124 -6.70 -9.37 44.52
N ASN A 125 -7.33 -8.24 44.83
CA ASN A 125 -7.60 -7.24 43.81
C ASN A 125 -6.32 -6.64 43.25
N VAL A 126 -5.37 -6.30 44.12
CA VAL A 126 -4.13 -5.68 43.64
C VAL A 126 -3.30 -6.68 42.84
N PHE A 127 -3.29 -7.95 43.26
CA PHE A 127 -2.58 -8.96 42.49
C PHE A 127 -3.21 -9.16 41.11
N LEU A 128 -4.54 -9.17 41.06
CA LEU A 128 -5.22 -9.29 39.77
C LEU A 128 -4.93 -8.09 38.89
N PHE A 129 -4.87 -6.90 39.48
CA PHE A 129 -4.49 -5.70 38.71
C PHE A 129 -3.07 -5.81 38.17
N LYS A 130 -2.15 -6.31 39.00
CA LYS A 130 -0.76 -6.47 38.57
C LYS A 130 -0.65 -7.43 37.40
N LEU A 131 -1.37 -8.56 37.47
CA LEU A 131 -1.33 -9.51 36.37
C LEU A 131 -2.04 -8.97 35.13
N GLY A 132 -3.13 -8.22 35.34
CA GLY A 132 -3.84 -7.62 34.23
C GLY A 132 -2.99 -6.61 33.47
N GLY A 133 -2.12 -5.89 34.18
CA GLY A 133 -1.22 -4.98 33.49
C GLY A 133 -0.33 -5.69 32.49
N VAL A 134 0.27 -6.82 32.90
CA VAL A 134 1.16 -7.56 32.01
C VAL A 134 0.38 -8.19 30.87
N THR A 135 -0.80 -8.76 31.17
CA THR A 135 -1.59 -9.37 30.10
C THR A 135 -2.03 -8.31 29.09
N ALA A 136 -2.42 -7.13 29.57
CA ALA A 136 -2.78 -6.04 28.67
C ALA A 136 -1.59 -5.60 27.83
N SER A 137 -0.40 -5.56 28.43
CA SER A 137 0.79 -5.19 27.68
C SER A 137 1.04 -6.18 26.54
N PHE A 138 0.96 -7.48 26.84
CA PHE A 138 1.19 -8.48 25.80
C PHE A 138 0.13 -8.42 24.71
N THR A 139 -1.14 -8.29 25.10
CA THR A 139 -2.21 -8.22 24.11
C THR A 139 -2.07 -6.96 23.25
N ALA A 140 -1.66 -5.85 23.86
CA ALA A 140 -1.45 -4.63 23.10
C ALA A 140 -0.29 -4.77 22.12
N LYS A 141 0.77 -5.47 22.52
CA LYS A 141 1.86 -5.74 21.59
C LYS A 141 1.37 -6.53 20.39
N VAL A 142 0.61 -7.60 20.65
CA VAL A 142 0.11 -8.44 19.56
C VAL A 142 -0.82 -7.65 18.65
N GLY A 143 -1.71 -6.83 19.24
CA GLY A 143 -2.62 -6.04 18.44
C GLY A 143 -1.91 -4.97 17.63
N SER A 144 -0.87 -4.36 18.20
CA SER A 144 -0.07 -3.40 17.45
C SER A 144 0.61 -4.05 16.27
N LEU A 145 1.14 -5.26 16.46
CA LEU A 145 1.71 -5.99 15.33
C LEU A 145 0.66 -6.31 14.28
N PHE A 146 -0.55 -6.65 14.71
CA PHE A 146 -1.65 -6.93 13.77
C PHE A 146 -1.98 -5.69 12.93
N LEU A 147 -2.15 -4.54 13.60
CA LEU A 147 -2.45 -3.31 12.88
C LEU A 147 -1.32 -2.90 11.96
N ALA A 148 -0.08 -3.07 12.42
CA ALA A 148 1.07 -2.76 11.57
C ALA A 148 1.12 -3.66 10.35
N ALA A 149 0.77 -4.94 10.52
CA ALA A 149 0.71 -5.84 9.37
C ALA A 149 -0.33 -5.40 8.37
N ILE A 150 -1.51 -4.99 8.85
CA ILE A 150 -2.54 -4.49 7.93
C ILE A 150 -2.04 -3.26 7.19
N ASP A 151 -1.43 -2.33 7.92
CA ASP A 151 -0.91 -1.11 7.29
C ASP A 151 0.15 -1.44 6.26
N ARG A 152 1.04 -2.39 6.57
CA ARG A 152 2.09 -2.77 5.62
C ARG A 152 1.50 -3.40 4.37
N TYR A 153 0.47 -4.25 4.53
CA TYR A 153 -0.17 -4.84 3.36
C TYR A 153 -0.77 -3.76 2.48
N ILE A 154 -1.48 -2.81 3.09
CA ILE A 154 -2.10 -1.74 2.31
C ILE A 154 -1.03 -0.90 1.61
N SER A 155 0.08 -0.64 2.30
CA SER A 155 1.11 0.24 1.75
C SER A 155 1.86 -0.43 0.61
N ILE A 156 2.12 -1.74 0.71
CA ILE A 156 2.96 -2.41 -0.26
C ILE A 156 2.15 -2.95 -1.44
N HIS A 157 1.02 -3.61 -1.18
CA HIS A 157 0.31 -4.29 -2.24
C HIS A 157 -0.89 -3.52 -2.78
N ARG A 158 -1.27 -2.41 -2.14
CA ARG A 158 -2.28 -1.49 -2.67
C ARG A 158 -1.78 -0.06 -2.54
N PRO A 159 -0.69 0.28 -3.23
CA PRO A 159 -0.12 1.63 -3.05
C PRO A 159 -1.07 2.75 -3.46
N LEU A 160 -1.80 2.56 -4.55
CA LEU A 160 -2.64 3.63 -5.09
C LEU A 160 -3.75 4.04 -4.12
N ALA A 161 -4.03 3.22 -3.12
CA ALA A 161 -5.03 3.55 -2.12
C ALA A 161 -4.44 3.97 -0.77
N TYR A 162 -3.12 3.80 -0.59
CA TYR A 162 -2.54 3.94 0.75
C TYR A 162 -2.76 5.35 1.32
N LYS A 163 -2.56 6.37 0.50
CA LYS A 163 -2.71 7.74 0.98
C LYS A 163 -4.16 8.12 1.26
N ARG A 164 -5.12 7.25 0.93
CA ARG A 164 -6.52 7.54 1.17
C ARG A 164 -7.18 6.56 2.12
N ILE A 165 -6.88 5.27 2.01
CA ILE A 165 -7.46 4.29 2.93
C ILE A 165 -6.89 4.47 4.33
N VAL A 166 -5.58 4.64 4.44
CA VAL A 166 -4.91 4.75 5.73
C VAL A 166 -4.65 6.23 5.97
N THR A 167 -5.51 6.85 6.77
CA THR A 167 -5.36 8.23 7.22
C THR A 167 -5.01 8.25 8.70
N ARG A 168 -4.45 9.38 9.13
CA ARG A 168 -4.05 9.52 10.53
C ARG A 168 -5.22 9.36 11.51
N PRO A 169 -6.37 10.01 11.32
CA PRO A 169 -7.48 9.75 12.25
C PRO A 169 -7.91 8.29 12.28
N LYS A 170 -7.95 7.63 11.12
CA LYS A 170 -8.35 6.23 11.09
C LYS A 170 -7.34 5.35 11.83
N ALA A 171 -6.05 5.59 11.64
CA ALA A 171 -5.04 4.82 12.36
C ALA A 171 -5.13 5.06 13.86
N VAL A 172 -5.33 6.31 14.27
CA VAL A 172 -5.45 6.62 15.69
C VAL A 172 -6.66 5.91 16.28
N VAL A 173 -7.80 5.95 15.58
CA VAL A 173 -9.00 5.29 16.08
C VAL A 173 -8.79 3.78 16.18
N ALA A 174 -8.15 3.18 15.17
CA ALA A 174 -7.91 1.74 15.20
C ALA A 174 -7.00 1.35 16.37
N PHE A 175 -5.93 2.11 16.59
CA PHE A 175 -5.04 1.80 17.69
C PHE A 175 -5.72 1.97 19.04
N CYS A 176 -6.53 3.03 19.18
CA CYS A 176 -7.27 3.23 20.42
C CYS A 176 -8.25 2.09 20.67
N LEU A 177 -8.95 1.65 19.62
CA LEU A 177 -9.89 0.53 19.76
C LEU A 177 -9.16 -0.74 20.17
N MET A 178 -8.01 -1.02 19.55
CA MET A 178 -7.23 -2.20 19.91
C MET A 178 -6.78 -2.13 21.37
N TRP A 179 -6.31 -0.96 21.81
CA TRP A 179 -5.87 -0.82 23.19
C TRP A 179 -7.03 -1.01 24.15
N THR A 180 -8.20 -0.46 23.83
CA THR A 180 -9.36 -0.65 24.69
C THR A 180 -9.77 -2.12 24.76
N ILE A 181 -9.72 -2.82 23.62
CA ILE A 181 -10.04 -4.25 23.62
C ILE A 181 -9.08 -5.01 24.51
N ALA A 182 -7.78 -4.73 24.39
CA ALA A 182 -6.80 -5.40 25.23
C ALA A 182 -7.02 -5.11 26.71
N ILE A 183 -7.33 -3.84 27.03
CA ILE A 183 -7.57 -3.46 28.41
C ILE A 183 -8.79 -4.19 28.97
N VAL A 184 -9.85 -4.28 28.16
CA VAL A 184 -11.06 -4.97 28.61
C VAL A 184 -10.77 -6.44 28.86
N ILE A 185 -10.02 -7.08 27.94
CA ILE A 185 -9.69 -8.50 28.12
C ILE A 185 -8.88 -8.69 29.40
N ALA A 186 -7.93 -7.80 29.66
CA ALA A 186 -7.12 -7.92 30.86
C ALA A 186 -7.91 -7.62 32.13
N VAL A 187 -8.91 -6.74 32.04
CA VAL A 187 -9.68 -6.35 33.21
C VAL A 187 -10.79 -7.34 33.54
N LEU A 188 -11.20 -8.17 32.57
CA LEU A 188 -12.28 -9.14 32.79
C LEU A 188 -12.14 -9.95 34.08
N PRO A 189 -10.98 -10.51 34.43
CA PRO A 189 -10.89 -11.23 35.72
C PRO A 189 -11.17 -10.35 36.93
N LEU A 190 -10.81 -9.08 36.87
CA LEU A 190 -11.07 -8.17 37.99
C LEU A 190 -12.56 -7.91 38.19
N LEU A 191 -13.38 -8.17 37.19
CA LEU A 191 -14.81 -7.87 37.24
C LEU A 191 -15.65 -9.09 37.61
N GLY A 192 -15.03 -10.18 38.07
CA GLY A 192 -15.79 -11.33 38.50
C GLY A 192 -15.52 -12.59 37.72
N TRP A 193 -14.29 -12.76 37.24
CA TRP A 193 -13.92 -13.99 36.54
C TRP A 193 -12.74 -14.67 37.23
N ASN A 194 -12.78 -14.75 38.55
CA ASN A 194 -11.77 -15.43 39.35
C ASN A 194 -12.32 -16.76 39.87
N CYS A 195 -11.48 -17.51 40.57
CA CYS A 195 -11.85 -18.83 41.07
C CYS A 195 -12.37 -18.80 42.50
N GLU A 196 -12.60 -17.62 43.05
CA GLU A 196 -13.27 -17.48 44.35
C GLU A 196 -14.74 -17.12 44.21
N LYS A 197 -15.07 -16.16 43.35
CA LYS A 197 -16.47 -15.79 43.15
C LYS A 197 -17.23 -16.89 42.42
N LEU A 198 -16.61 -17.51 41.41
CA LEU A 198 -17.22 -18.63 40.71
C LEU A 198 -17.13 -19.93 41.49
N GLN A 199 -16.21 -20.02 42.45
CA GLN A 199 -16.00 -21.22 43.24
C GLN A 199 -15.71 -22.42 42.33
N SER A 200 -14.65 -22.30 41.55
CA SER A 200 -14.23 -23.32 40.60
C SER A 200 -12.74 -23.56 40.74
N VAL A 201 -12.30 -24.72 40.26
CA VAL A 201 -10.88 -25.05 40.29
C VAL A 201 -10.11 -24.06 39.42
N CYS A 202 -8.94 -23.64 39.91
CA CYS A 202 -8.15 -22.63 39.23
C CYS A 202 -6.69 -23.03 39.21
N SER A 203 -5.88 -22.21 38.54
CA SER A 203 -4.51 -22.55 38.22
C SER A 203 -3.63 -22.57 39.46
N ASP A 204 -2.47 -23.22 39.33
CA ASP A 204 -1.50 -23.32 40.41
C ASP A 204 -0.43 -22.24 40.33
N ILE A 205 0.10 -21.98 39.13
CA ILE A 205 1.09 -20.91 38.97
C ILE A 205 0.46 -19.55 39.22
N PHE A 206 -0.79 -19.37 38.80
CA PHE A 206 -1.49 -18.11 38.98
C PHE A 206 -2.66 -18.31 39.94
N PRO A 207 -2.52 -17.96 41.22
CA PRO A 207 -3.65 -18.10 42.14
C PRO A 207 -4.75 -17.10 41.82
N HIS A 208 -5.97 -17.45 42.25
CA HIS A 208 -7.13 -16.58 42.14
C HIS A 208 -7.50 -16.28 40.69
N ILE A 209 -7.12 -17.16 39.77
CA ILE A 209 -7.38 -16.98 38.34
C ILE A 209 -7.94 -18.28 37.78
N ASP A 210 -9.17 -18.24 37.30
CA ASP A 210 -9.81 -19.44 36.77
C ASP A 210 -9.08 -19.94 35.53
N LYS A 211 -9.06 -21.27 35.36
CA LYS A 211 -8.37 -21.86 34.23
C LYS A 211 -9.09 -21.59 32.91
N THR A 212 -10.41 -21.42 32.94
CA THR A 212 -11.15 -21.16 31.71
C THR A 212 -10.77 -19.83 31.09
N TYR A 213 -10.66 -18.78 31.92
CA TYR A 213 -10.22 -17.48 31.41
C TYR A 213 -8.80 -17.56 30.88
N LEU A 214 -7.93 -18.30 31.57
CA LEU A 214 -6.56 -18.45 31.12
C LEU A 214 -6.51 -19.14 29.76
N MET A 215 -7.29 -20.20 29.59
CA MET A 215 -7.35 -20.90 28.30
C MET A 215 -7.89 -20.00 27.21
N PHE A 216 -8.91 -19.21 27.52
CA PHE A 216 -9.48 -18.30 26.53
C PHE A 216 -8.44 -17.27 26.09
N TRP A 217 -7.71 -16.69 27.04
CA TRP A 217 -6.69 -15.69 26.70
C TRP A 217 -5.57 -16.32 25.88
N ILE A 218 -5.12 -17.52 26.27
CA ILE A 218 -4.07 -18.19 25.51
C ILE A 218 -4.52 -18.49 24.09
N GLY A 219 -5.76 -18.99 23.93
CA GLY A 219 -6.26 -19.26 22.60
C GLY A 219 -6.34 -18.03 21.74
N VAL A 220 -6.84 -16.93 22.32
CA VAL A 220 -6.97 -15.68 21.56
C VAL A 220 -5.59 -15.21 21.09
N VAL A 221 -4.63 -15.13 22.02
CA VAL A 221 -3.32 -14.61 21.64
C VAL A 221 -2.62 -15.55 20.66
N SER A 222 -2.82 -16.87 20.82
CA SER A 222 -2.17 -17.82 19.93
C SER A 222 -2.71 -17.72 18.51
N VAL A 223 -4.04 -17.67 18.36
CA VAL A 223 -4.60 -17.58 17.01
C VAL A 223 -4.25 -16.24 16.38
N LEU A 224 -4.24 -15.16 17.16
CA LEU A 224 -3.86 -13.87 16.61
C LEU A 224 -2.40 -13.87 16.15
N LEU A 225 -1.51 -14.43 16.96
CA LEU A 225 -0.10 -14.49 16.58
C LEU A 225 0.11 -15.36 15.34
N LEU A 226 -0.60 -16.48 15.25
CA LEU A 226 -0.48 -17.34 14.07
C LEU A 226 -0.95 -16.62 12.81
N PHE A 227 -2.09 -15.92 12.90
CA PHE A 227 -2.59 -15.19 11.74
C PHE A 227 -1.62 -14.08 11.34
N ILE A 228 -1.04 -13.39 12.33
CA ILE A 228 -0.06 -12.34 12.02
C ILE A 228 1.17 -12.92 11.34
N VAL A 229 1.64 -14.08 11.80
CA VAL A 229 2.80 -14.72 11.19
C VAL A 229 2.50 -15.06 9.73
N TYR A 230 1.33 -15.67 9.50
CA TYR A 230 0.97 -16.02 8.12
C TYR A 230 0.83 -14.78 7.25
N ALA A 231 0.22 -13.72 7.78
CA ALA A 231 0.06 -12.49 7.01
C ALA A 231 1.40 -11.88 6.65
N TYR A 232 2.33 -11.84 7.59
CA TYR A 232 3.66 -11.28 7.30
C TYR A 232 4.41 -12.13 6.28
N MET A 233 4.32 -13.45 6.39
CA MET A 233 4.98 -14.31 5.40
C MET A 233 4.40 -14.07 4.01
N TYR A 234 3.06 -14.00 3.92
CA TYR A 234 2.43 -13.76 2.63
C TYR A 234 2.82 -12.40 2.06
N ILE A 235 2.82 -11.37 2.90
CA ILE A 235 3.18 -10.02 2.44
C ILE A 235 4.60 -10.01 1.90
N LEU A 236 5.54 -10.57 2.66
CA LEU A 236 6.93 -10.56 2.24
C LEU A 236 7.13 -11.35 0.96
N TRP A 237 6.52 -12.54 0.86
CA TRP A 237 6.69 -13.36 -0.33
C TRP A 237 6.11 -12.69 -1.56
N LYS A 238 4.90 -12.15 -1.45
CA LYS A 238 4.27 -11.50 -2.59
C LYS A 238 5.04 -10.25 -3.00
N ALA A 239 5.52 -9.47 -2.02
CA ALA A 239 6.33 -8.30 -2.35
C ALA A 239 7.60 -8.70 -3.07
N GLY A 240 8.25 -9.77 -2.61
CA GLY A 240 9.45 -10.23 -3.28
C GLY A 240 9.21 -10.67 -4.70
N ILE A 241 8.11 -11.39 -4.94
CA ILE A 241 7.88 -11.92 -6.28
C ILE A 241 7.34 -10.83 -7.21
N ASP A 242 6.71 -9.79 -6.66
CA ASP A 242 6.06 -8.80 -7.52
C ASP A 242 6.94 -7.58 -7.78
N CYS A 243 7.58 -7.04 -6.73
CA CYS A 243 8.31 -5.79 -6.88
C CYS A 243 9.48 -5.94 -7.85
N SER A 244 10.21 -7.05 -7.76
CA SER A 244 11.35 -7.29 -8.64
C SER A 244 10.92 -8.18 -9.81
N PHE A 245 10.09 -7.59 -10.68
CA PHE A 245 9.61 -8.26 -11.87
C PHE A 245 10.04 -7.58 -13.15
N TRP A 246 9.85 -6.27 -13.25
CA TRP A 246 10.21 -5.51 -14.44
C TRP A 246 11.70 -5.18 -14.36
N ASN A 247 12.52 -6.19 -14.63
CA ASN A 247 13.97 -6.05 -14.58
C ASN A 247 14.59 -6.74 -15.78
N GLU A 248 15.77 -6.27 -16.17
CA GLU A 248 16.47 -6.85 -17.30
C GLU A 248 17.11 -8.20 -16.98
N SER A 249 17.26 -8.53 -15.70
CA SER A 249 17.92 -9.76 -15.30
C SER A 249 17.10 -11.00 -15.63
N TYR A 250 15.83 -10.84 -16.00
CA TYR A 250 14.97 -11.98 -16.32
C TYR A 250 14.95 -12.32 -17.79
N LEU A 251 15.76 -11.65 -18.61
CA LEU A 251 15.81 -11.90 -20.04
C LEU A 251 17.21 -12.39 -20.44
N THR A 252 17.25 -13.22 -21.47
CA THR A 252 18.49 -13.82 -21.93
C THR A 252 18.87 -13.24 -23.29
N GLY A 253 20.14 -12.87 -23.43
CA GLY A 253 20.65 -12.32 -24.66
C GLY A 253 20.98 -10.85 -24.53
N SER A 254 20.96 -10.18 -25.68
CA SER A 254 21.21 -8.74 -25.77
C SER A 254 20.04 -8.06 -26.47
N ARG A 255 20.09 -6.73 -26.48
CA ARG A 255 18.99 -5.95 -27.04
C ARG A 255 18.81 -6.22 -28.54
N ASP A 256 19.92 -6.21 -29.28
CA ASP A 256 19.85 -6.33 -30.73
C ASP A 256 19.32 -7.69 -31.16
N GLU A 257 19.85 -8.77 -30.57
CA GLU A 257 19.40 -10.11 -30.95
C GLU A 257 17.95 -10.33 -30.53
N ARG A 258 17.55 -9.81 -29.37
CA ARG A 258 16.17 -9.94 -28.93
C ARG A 258 15.22 -9.22 -29.89
N LYS A 259 15.59 -8.01 -30.29
CA LYS A 259 14.75 -7.27 -31.24
C LYS A 259 14.68 -7.97 -32.58
N LYS A 260 15.81 -8.50 -33.06
CA LYS A 260 15.82 -9.22 -34.33
C LYS A 260 14.95 -10.46 -34.26
N SER A 261 15.04 -11.22 -33.16
CA SER A 261 14.22 -12.41 -33.02
C SER A 261 12.74 -12.06 -32.94
N LEU A 262 12.39 -10.97 -32.23
CA LEU A 262 11.00 -10.56 -32.15
C LEU A 262 10.46 -10.16 -33.53
N LEU A 263 11.25 -9.40 -34.28
CA LEU A 263 10.81 -8.99 -35.62
C LEU A 263 10.70 -10.19 -36.55
N SER A 264 11.61 -11.16 -36.44
CA SER A 264 11.50 -12.38 -37.23
C SER A 264 10.25 -13.16 -36.85
N LYS A 265 9.92 -13.22 -35.57
CA LYS A 265 8.68 -13.86 -35.14
C LYS A 265 7.46 -13.13 -35.68
N PHE A 266 7.55 -11.81 -35.85
CA PHE A 266 6.50 -11.03 -36.48
C PHE A 266 6.68 -10.91 -37.99
N GLY A 267 7.70 -11.57 -38.55
CA GLY A 267 7.90 -11.54 -39.99
C GLY A 267 8.24 -10.18 -40.55
N MET A 268 9.10 -9.43 -39.85
CA MET A 268 9.51 -8.10 -40.29
C MET A 268 11.02 -7.98 -40.21
N ASP A 269 11.58 -7.12 -41.06
CA ASP A 269 13.01 -6.90 -41.10
C ASP A 269 13.44 -5.98 -39.95
N GLU A 270 14.75 -5.94 -39.71
CA GLU A 270 15.29 -5.12 -38.63
C GLU A 270 15.05 -3.64 -38.92
N GLY A 271 14.75 -2.90 -37.86
CA GLY A 271 14.52 -1.47 -38.00
C GLY A 271 14.18 -0.87 -36.65
N VAL A 272 14.03 0.45 -36.64
CA VAL A 272 13.65 1.17 -35.43
C VAL A 272 12.22 0.79 -35.09
N THR A 273 12.01 0.20 -33.91
CA THR A 273 10.72 -0.35 -33.52
C THR A 273 10.04 0.57 -32.52
N PHE A 274 8.77 0.88 -32.78
CA PHE A 274 7.95 1.66 -31.87
C PHE A 274 6.82 0.78 -31.34
N MET A 275 6.50 0.94 -30.07
CA MET A 275 5.53 0.09 -29.39
C MET A 275 4.48 0.95 -28.72
N PHE A 276 3.21 0.60 -28.94
CA PHE A 276 2.09 1.19 -28.22
C PHE A 276 1.29 0.05 -27.61
N ILE A 277 0.98 0.16 -26.31
CA ILE A 277 0.16 -0.83 -25.62
C ILE A 277 -0.88 -0.10 -24.79
N GLY A 278 -2.12 -0.55 -24.87
CA GLY A 278 -3.15 0.08 -24.06
C GLY A 278 -4.59 -0.14 -24.51
N ARG A 279 -5.39 0.91 -24.43
CA ARG A 279 -6.82 0.85 -24.68
C ARG A 279 -7.14 1.42 -26.06
N PHE A 280 -8.08 0.79 -26.75
CA PHE A 280 -8.60 1.28 -28.02
C PHE A 280 -9.88 2.05 -27.73
N ASP A 281 -9.73 3.35 -27.49
CA ASP A 281 -10.86 4.20 -27.18
C ASP A 281 -10.51 5.65 -27.51
N ARG A 282 -11.51 6.51 -27.46
CA ARG A 282 -11.36 7.93 -27.70
C ARG A 282 -11.58 8.69 -26.40
N GLY A 283 -10.60 9.50 -26.01
CA GLY A 283 -10.74 10.32 -24.82
C GLY A 283 -9.73 10.01 -23.73
N GLN A 284 -9.44 8.73 -23.51
CA GLN A 284 -8.48 8.33 -22.48
C GLN A 284 -7.08 8.15 -23.06
N LYS A 285 -6.94 7.23 -24.01
CA LYS A 285 -5.67 6.96 -24.67
C LYS A 285 -5.77 7.33 -26.14
N GLY A 286 -4.80 8.08 -26.62
CA GLY A 286 -4.83 8.57 -27.99
C GLY A 286 -4.36 7.56 -29.02
N VAL A 287 -5.00 6.39 -29.06
CA VAL A 287 -4.69 5.44 -30.11
C VAL A 287 -5.11 5.98 -31.48
N ASP A 288 -6.19 6.77 -31.51
CA ASP A 288 -6.58 7.43 -32.75
C ASP A 288 -5.53 8.44 -33.18
N VAL A 289 -4.95 9.17 -32.22
CA VAL A 289 -3.86 10.09 -32.54
C VAL A 289 -2.68 9.34 -33.12
N LEU A 290 -2.35 8.19 -32.53
CA LEU A 290 -1.25 7.38 -33.05
C LEU A 290 -1.55 6.89 -34.46
N LEU A 291 -2.80 6.49 -34.73
CA LEU A 291 -3.16 6.04 -36.07
C LEU A 291 -3.07 7.16 -37.09
N LYS A 292 -3.52 8.37 -36.72
CA LYS A 292 -3.40 9.51 -37.62
C LYS A 292 -1.94 9.84 -37.87
N ALA A 293 -1.09 9.78 -36.84
CA ALA A 293 0.33 10.03 -37.03
C ALA A 293 0.96 8.98 -37.94
N ILE A 294 0.55 7.72 -37.79
CA ILE A 294 1.06 6.66 -38.66
C ILE A 294 0.66 6.92 -40.10
N GLU A 295 -0.60 7.32 -40.32
CA GLU A 295 -1.05 7.63 -41.67
C GLU A 295 -0.28 8.81 -42.26
N ILE A 296 0.01 9.82 -41.44
CA ILE A 296 0.79 10.96 -41.91
C ILE A 296 2.20 10.53 -42.28
N LEU A 297 2.82 9.71 -41.44
CA LEU A 297 4.20 9.28 -41.68
C LEU A 297 4.30 8.30 -42.84
N SER A 298 3.22 7.62 -43.19
CA SER A 298 3.25 6.66 -44.28
C SER A 298 3.52 7.31 -45.63
N SER A 299 3.41 8.62 -45.74
CA SER A 299 3.63 9.33 -47.00
C SER A 299 5.08 9.79 -47.17
N LYS A 300 5.97 9.42 -46.25
CA LYS A 300 7.36 9.85 -46.30
C LYS A 300 8.26 8.65 -46.57
N LYS A 301 9.53 8.94 -46.86
CA LYS A 301 10.51 7.91 -47.18
C LYS A 301 11.10 7.26 -45.94
N GLU A 302 10.93 7.85 -44.76
CA GLU A 302 11.44 7.26 -43.53
C GLU A 302 10.59 6.08 -43.06
N PHE A 303 9.34 6.00 -43.50
CA PHE A 303 8.45 4.94 -43.06
C PHE A 303 8.97 3.56 -43.45
N GLN A 304 9.89 3.49 -44.41
CA GLN A 304 10.46 2.20 -44.80
C GLN A 304 11.39 1.65 -43.73
N GLU A 305 12.04 2.52 -42.95
CA GLU A 305 12.95 2.08 -41.89
C GLU A 305 12.31 2.19 -40.51
N MET A 306 11.03 1.88 -40.41
CA MET A 306 10.26 2.06 -39.18
C MET A 306 9.31 0.88 -39.01
N ARG A 307 9.27 0.32 -37.81
CA ARG A 307 8.34 -0.75 -37.48
C ARG A 307 7.42 -0.29 -36.37
N PHE A 308 6.17 -0.71 -36.42
CA PHE A 308 5.16 -0.30 -35.46
C PHE A 308 4.44 -1.52 -34.91
N ILE A 309 4.27 -1.55 -33.58
CA ILE A 309 3.48 -2.57 -32.90
C ILE A 309 2.40 -1.86 -32.10
N ILE A 310 1.15 -2.29 -32.26
CA ILE A 310 0.02 -1.70 -31.56
C ILE A 310 -0.75 -2.82 -30.87
N ILE A 311 -0.83 -2.76 -29.54
CA ILE A 311 -1.41 -3.83 -28.73
C ILE A 311 -2.57 -3.26 -27.92
N GLY A 312 -3.71 -3.92 -28.01
CA GLY A 312 -4.84 -3.52 -27.21
C GLY A 312 -6.15 -4.03 -27.77
N LYS A 313 -7.22 -3.74 -27.03
CA LYS A 313 -8.56 -4.16 -27.39
C LYS A 313 -9.53 -3.05 -27.00
N GLY A 314 -10.55 -2.84 -27.83
CA GLY A 314 -11.54 -1.81 -27.57
C GLY A 314 -12.71 -1.81 -28.51
N ASP A 315 -13.13 -0.63 -28.96
CA ASP A 315 -14.27 -0.53 -29.86
C ASP A 315 -13.94 -1.15 -31.21
N PRO A 316 -14.95 -1.73 -31.89
CA PRO A 316 -14.69 -2.36 -33.19
C PRO A 316 -14.17 -1.41 -34.25
N GLU A 317 -14.54 -0.13 -34.19
CA GLU A 317 -14.13 0.81 -35.24
C GLU A 317 -12.63 1.03 -35.24
N LEU A 318 -12.06 1.32 -34.07
CA LEU A 318 -10.62 1.55 -33.99
C LEU A 318 -9.84 0.28 -34.26
N GLU A 319 -10.35 -0.88 -33.83
CA GLU A 319 -9.69 -2.14 -34.15
C GLU A 319 -9.70 -2.39 -35.66
N GLY A 320 -10.82 -2.09 -36.32
CA GLY A 320 -10.86 -2.24 -37.77
C GLY A 320 -9.92 -1.29 -38.48
N TRP A 321 -9.81 -0.05 -38.00
CA TRP A 321 -8.86 0.90 -38.56
C TRP A 321 -7.43 0.38 -38.39
N ALA A 322 -7.11 -0.15 -37.21
CA ALA A 322 -5.78 -0.68 -36.96
C ALA A 322 -5.49 -1.88 -37.86
N ARG A 323 -6.48 -2.75 -38.05
CA ARG A 323 -6.27 -3.92 -38.92
C ARG A 323 -6.12 -3.50 -40.38
N SER A 324 -6.86 -2.48 -40.80
CA SER A 324 -6.70 -1.96 -42.16
C SER A 324 -5.30 -1.39 -42.37
N LEU A 325 -4.79 -0.66 -41.38
CA LEU A 325 -3.42 -0.18 -41.48
C LEU A 325 -2.42 -1.34 -41.44
N GLU A 326 -2.72 -2.38 -40.68
CA GLU A 326 -1.84 -3.55 -40.61
C GLU A 326 -1.74 -4.26 -41.95
N GLU A 327 -2.88 -4.42 -42.63
CA GLU A 327 -2.86 -5.08 -43.93
C GLU A 327 -2.33 -4.18 -45.03
N LYS A 328 -2.51 -2.86 -44.91
CA LYS A 328 -2.00 -1.95 -45.92
C LYS A 328 -0.48 -1.87 -45.89
N HIS A 329 0.11 -1.80 -44.71
CA HIS A 329 1.54 -1.62 -44.55
C HIS A 329 2.16 -2.87 -43.94
N GLY A 330 3.30 -3.30 -44.51
CA GLY A 330 3.96 -4.51 -44.05
C GLY A 330 4.79 -4.36 -42.81
N ASN A 331 5.03 -3.13 -42.35
CA ASN A 331 5.82 -2.86 -41.16
C ASN A 331 4.98 -2.48 -39.96
N VAL A 332 3.67 -2.74 -40.01
CA VAL A 332 2.75 -2.44 -38.92
C VAL A 332 2.12 -3.74 -38.46
N LYS A 333 2.14 -3.99 -37.16
CA LYS A 333 1.57 -5.19 -36.57
C LYS A 333 0.59 -4.79 -35.47
N VAL A 334 -0.57 -5.44 -35.45
CA VAL A 334 -1.63 -5.15 -34.48
C VAL A 334 -1.95 -6.44 -33.74
N ILE A 335 -1.95 -6.37 -32.41
CA ILE A 335 -2.28 -7.50 -31.55
C ILE A 335 -3.47 -7.08 -30.69
N THR A 336 -4.54 -7.88 -30.74
CA THR A 336 -5.75 -7.63 -29.97
C THR A 336 -5.98 -8.67 -28.89
N GLU A 337 -5.34 -9.84 -29.00
CA GLU A 337 -5.51 -10.90 -28.02
C GLU A 337 -4.96 -10.48 -26.66
N MET A 338 -5.12 -11.37 -25.68
CA MET A 338 -4.63 -11.12 -24.33
C MET A 338 -3.18 -11.55 -24.23
N LEU A 339 -2.31 -10.63 -23.79
CA LEU A 339 -0.88 -10.87 -23.69
C LEU A 339 -0.51 -11.15 -22.25
N SER A 340 0.33 -12.17 -22.05
CA SER A 340 0.80 -12.49 -20.71
C SER A 340 1.76 -11.41 -20.21
N ARG A 341 1.92 -11.37 -18.90
CA ARG A 341 2.80 -10.38 -18.28
C ARG A 341 4.25 -10.57 -18.73
N GLU A 342 4.71 -11.82 -18.80
CA GLU A 342 6.07 -12.09 -19.22
C GLU A 342 6.30 -11.71 -20.68
N PHE A 343 5.30 -11.94 -21.54
CA PHE A 343 5.43 -11.55 -22.94
C PHE A 343 5.54 -10.03 -23.08
N VAL A 344 4.75 -9.28 -22.30
CA VAL A 344 4.86 -7.81 -22.34
C VAL A 344 6.22 -7.38 -21.80
N ARG A 345 6.72 -8.06 -20.77
CA ARG A 345 8.05 -7.77 -20.26
C ARG A 345 9.11 -7.97 -21.33
N GLU A 346 9.00 -9.07 -22.09
CA GLU A 346 9.94 -9.32 -23.18
C GLU A 346 9.81 -8.27 -24.27
N LEU A 347 8.58 -7.85 -24.58
CA LEU A 347 8.37 -6.82 -25.60
C LEU A 347 9.00 -5.50 -25.19
N TYR A 348 8.85 -5.12 -23.92
CA TYR A 348 9.44 -3.86 -23.46
C TYR A 348 10.96 -3.90 -23.58
N GLY A 349 11.57 -5.04 -23.30
CA GLY A 349 13.01 -5.21 -23.38
C GLY A 349 13.53 -5.55 -24.75
N SER A 350 12.72 -5.42 -25.80
CA SER A 350 13.14 -5.68 -27.17
C SER A 350 12.93 -4.49 -28.09
N VAL A 351 11.82 -3.77 -27.96
CA VAL A 351 11.54 -2.62 -28.80
C VAL A 351 12.46 -1.47 -28.43
N ASP A 352 12.50 -0.44 -29.27
CA ASP A 352 13.36 0.72 -29.03
C ASP A 352 12.62 1.85 -28.32
N PHE A 353 11.45 2.23 -28.83
CA PHE A 353 10.69 3.34 -28.29
C PHE A 353 9.27 2.89 -27.97
N VAL A 354 8.68 3.54 -26.96
CA VAL A 354 7.30 3.31 -26.57
C VAL A 354 6.53 4.62 -26.70
N ILE A 355 5.40 4.58 -27.38
CA ILE A 355 4.59 5.77 -27.64
C ILE A 355 3.40 5.76 -26.70
N ILE A 356 3.24 6.84 -25.94
CA ILE A 356 2.14 6.97 -24.99
C ILE A 356 1.41 8.28 -25.26
N PRO A 357 0.58 8.36 -26.30
CA PRO A 357 -0.14 9.60 -26.63
C PRO A 357 -1.46 9.76 -25.88
N SER A 358 -1.43 9.53 -24.58
CA SER A 358 -2.65 9.53 -23.79
C SER A 358 -3.13 10.95 -23.53
N TYR A 359 -4.45 11.13 -23.56
CA TYR A 359 -5.06 12.40 -23.19
C TYR A 359 -5.04 12.61 -21.68
N PHE A 360 -5.32 11.57 -20.90
CA PHE A 360 -5.44 11.69 -19.45
C PHE A 360 -4.78 10.46 -18.84
N GLU A 361 -3.55 10.63 -18.35
CA GLU A 361 -2.79 9.53 -17.75
C GLU A 361 -2.49 9.88 -16.30
N PRO A 362 -3.23 9.35 -15.33
CA PRO A 362 -3.04 9.77 -13.94
C PRO A 362 -1.75 9.26 -13.31
N PHE A 363 -1.30 8.06 -13.67
CA PHE A 363 -0.16 7.45 -13.02
C PHE A 363 1.00 7.15 -13.95
N GLY A 364 0.73 6.78 -15.20
CA GLY A 364 1.80 6.46 -16.13
C GLY A 364 2.60 5.24 -15.77
N LEU A 365 1.91 4.16 -15.38
CA LEU A 365 2.60 2.92 -15.06
C LEU A 365 3.23 2.29 -16.30
N VAL A 366 2.64 2.50 -17.47
CA VAL A 366 3.25 1.99 -18.71
C VAL A 366 4.63 2.59 -18.90
N ALA A 367 4.75 3.91 -18.69
CA ALA A 367 6.05 4.56 -18.80
C ALA A 367 7.01 4.02 -17.76
N LEU A 368 6.53 3.77 -16.54
CA LEU A 368 7.40 3.23 -15.50
C LEU A 368 7.97 1.88 -15.89
N GLU A 369 7.11 0.98 -16.38
CA GLU A 369 7.58 -0.34 -16.79
C GLU A 369 8.54 -0.24 -17.98
N ALA A 370 8.20 0.59 -18.97
CA ALA A 370 9.06 0.72 -20.14
C ALA A 370 10.43 1.27 -19.77
N MET A 371 10.48 2.25 -18.88
CA MET A 371 11.75 2.81 -18.45
C MET A 371 12.52 1.85 -17.57
N CYS A 372 11.84 1.04 -16.75
CA CYS A 372 12.52 0.01 -15.99
C CYS A 372 13.17 -1.01 -16.91
N LEU A 373 12.50 -1.40 -17.99
CA LEU A 373 13.04 -2.37 -18.93
C LEU A 373 13.85 -1.73 -20.05
N GLY A 374 14.13 -0.42 -19.96
CA GLY A 374 15.01 0.23 -20.88
C GLY A 374 14.42 0.51 -22.25
N ALA A 375 13.39 1.35 -22.30
CA ALA A 375 12.77 1.75 -23.56
C ALA A 375 12.47 3.23 -23.49
N ILE A 376 13.00 4.00 -24.43
CA ILE A 376 12.83 5.45 -24.45
C ILE A 376 11.37 5.78 -24.73
N PRO A 377 10.68 6.47 -23.84
CA PRO A 377 9.26 6.76 -24.06
C PRO A 377 9.01 8.06 -24.82
N ILE A 378 8.21 7.98 -25.88
CA ILE A 378 7.70 9.16 -26.56
C ILE A 378 6.26 9.33 -26.06
N ALA A 379 6.10 10.12 -25.02
CA ALA A 379 4.82 10.21 -24.31
C ALA A 379 4.27 11.62 -24.36
N SER A 380 2.95 11.73 -24.22
CA SER A 380 2.30 13.03 -24.17
C SER A 380 2.60 13.72 -22.84
N ALA A 381 2.81 15.02 -22.89
CA ALA A 381 3.10 15.81 -21.70
C ALA A 381 1.78 16.20 -21.04
N VAL A 382 1.22 15.29 -20.25
CA VAL A 382 -0.04 15.53 -19.58
C VAL A 382 -0.14 14.59 -18.40
N GLY A 383 -0.85 15.02 -17.36
CA GLY A 383 -1.10 14.16 -16.21
C GLY A 383 0.18 13.74 -15.51
N GLY A 384 0.28 12.45 -15.20
CA GLY A 384 1.41 11.90 -14.49
C GLY A 384 2.62 11.58 -15.32
N LEU A 385 2.58 11.83 -16.63
CA LEU A 385 3.73 11.60 -17.50
C LEU A 385 4.71 12.76 -17.48
N ARG A 386 4.32 13.93 -16.99
CA ARG A 386 5.20 15.08 -16.99
C ARG A 386 6.33 14.91 -15.99
N ASP A 387 6.00 14.50 -14.76
CA ASP A 387 7.01 14.39 -13.71
C ASP A 387 7.84 13.12 -13.79
N ILE A 388 7.40 12.12 -14.56
CA ILE A 388 8.17 10.90 -14.69
C ILE A 388 9.24 11.05 -15.76
N ILE A 389 8.91 11.68 -16.88
CA ILE A 389 9.80 11.78 -18.03
C ILE A 389 10.35 13.19 -18.10
N THR A 390 11.67 13.29 -18.23
CA THR A 390 12.37 14.56 -18.43
C THR A 390 12.93 14.62 -19.85
N ASN A 391 13.51 15.77 -20.19
CA ASN A 391 14.00 15.97 -21.55
C ASN A 391 15.23 15.11 -21.88
N GLU A 392 15.89 14.52 -20.88
CA GLU A 392 17.01 13.62 -21.10
C GLU A 392 16.64 12.16 -20.92
N THR A 393 15.38 11.86 -20.59
CA THR A 393 14.94 10.48 -20.34
C THR A 393 13.71 10.14 -21.17
N GLY A 394 13.56 10.77 -22.32
CA GLY A 394 12.43 10.51 -23.19
C GLY A 394 12.06 11.75 -23.97
N ILE A 395 10.95 11.65 -24.69
CA ILE A 395 10.43 12.73 -25.51
C ILE A 395 9.01 13.04 -25.07
N LEU A 396 8.69 14.33 -24.97
CA LEU A 396 7.37 14.78 -24.54
C LEU A 396 6.66 15.44 -25.72
N VAL A 397 5.37 15.14 -25.85
CA VAL A 397 4.58 15.55 -27.01
C VAL A 397 3.34 16.28 -26.51
N LYS A 398 2.88 17.24 -27.31
CA LYS A 398 1.62 17.91 -27.03
C LYS A 398 0.46 16.94 -27.22
N ALA A 399 -0.48 16.96 -26.29
CA ALA A 399 -1.61 16.04 -26.33
C ALA A 399 -2.56 16.39 -27.46
N GLY A 400 -3.03 15.37 -28.18
CA GLY A 400 -4.05 15.56 -29.18
C GLY A 400 -3.61 16.23 -30.46
N ASP A 401 -2.32 16.19 -30.79
CA ASP A 401 -1.80 16.76 -32.02
C ASP A 401 -1.10 15.68 -32.83
N PRO A 402 -1.79 15.06 -33.80
CA PRO A 402 -1.13 14.01 -34.60
C PRO A 402 0.11 14.51 -35.35
N GLY A 403 0.09 15.74 -35.83
CA GLY A 403 1.26 16.26 -36.53
C GLY A 403 2.46 16.42 -35.63
N GLU A 404 2.24 16.94 -34.42
CA GLU A 404 3.33 17.07 -33.46
C GLU A 404 3.86 15.70 -33.04
N LEU A 405 2.96 14.72 -32.86
CA LEU A 405 3.39 13.38 -32.52
C LEU A 405 4.23 12.78 -33.65
N ALA A 406 3.81 12.99 -34.91
CA ALA A 406 4.59 12.49 -36.03
C ALA A 406 5.96 13.16 -36.09
N ASN A 407 6.01 14.47 -35.82
CA ASN A 407 7.30 15.16 -35.80
C ASN A 407 8.20 14.61 -34.70
N ALA A 408 7.62 14.33 -33.52
CA ALA A 408 8.41 13.77 -32.43
C ALA A 408 8.90 12.37 -32.76
N ILE A 409 8.08 11.57 -33.45
CA ILE A 409 8.50 10.24 -33.86
C ILE A 409 9.63 10.33 -34.87
N LEU A 410 9.55 11.27 -35.80
CA LEU A 410 10.64 11.49 -36.75
C LEU A 410 11.91 11.93 -36.03
N LYS A 411 11.78 12.80 -35.02
CA LYS A 411 12.93 13.21 -34.23
C LYS A 411 13.56 12.02 -33.51
N ALA A 412 12.72 11.15 -32.95
CA ALA A 412 13.24 9.95 -32.29
C ALA A 412 13.96 9.05 -33.28
N LEU A 413 13.41 8.89 -34.48
CA LEU A 413 14.06 8.06 -35.50
C LEU A 413 15.41 8.65 -35.89
N GLU A 414 15.48 9.97 -36.05
CA GLU A 414 16.76 10.61 -36.37
C GLU A 414 17.76 10.45 -35.22
N LEU A 415 17.28 10.57 -33.98
CA LEU A 415 18.16 10.39 -32.82
C LEU A 415 18.67 8.96 -32.72
N SER A 416 17.87 7.99 -33.18
CA SER A 416 18.26 6.59 -33.11
C SER A 416 19.44 6.26 -34.01
N ARG A 417 19.83 7.16 -34.90
CA ARG A 417 20.98 6.90 -35.77
C ARG A 417 22.26 6.73 -34.96
N SER A 418 22.45 7.55 -33.93
CA SER A 418 23.63 7.47 -33.09
C SER A 418 23.40 6.45 -31.98
N ASP A 419 24.31 6.40 -31.02
CA ASP A 419 24.19 5.47 -29.90
C ASP A 419 23.05 5.90 -28.98
N LEU A 420 22.39 4.90 -28.39
CA LEU A 420 21.22 5.14 -27.55
C LEU A 420 21.35 4.51 -26.17
N SER A 421 22.50 3.93 -25.83
CA SER A 421 22.65 3.27 -24.54
C SER A 421 22.56 4.25 -23.37
N LYS A 422 23.03 5.48 -23.57
CA LYS A 422 22.95 6.49 -22.52
C LYS A 422 21.51 6.79 -22.15
N PHE A 423 20.64 6.90 -23.17
CA PHE A 423 19.23 7.13 -22.90
C PHE A 423 18.60 5.97 -22.15
N ARG A 424 18.98 4.73 -22.51
CA ARG A 424 18.46 3.57 -21.80
C ARG A 424 18.89 3.58 -20.33
N GLU A 425 20.16 3.89 -20.08
CA GLU A 425 20.64 3.94 -18.70
C GLU A 425 19.94 5.03 -17.91
N ASN A 426 19.77 6.22 -18.52
CA ASN A 426 19.06 7.30 -17.85
C ASN A 426 17.62 6.91 -17.54
N CYS A 427 16.95 6.25 -18.49
CA CYS A 427 15.58 5.82 -18.26
C CYS A 427 15.50 4.80 -17.13
N LYS A 428 16.44 3.85 -17.09
CA LYS A 428 16.45 2.88 -16.01
C LYS A 428 16.66 3.56 -14.65
N LYS A 429 17.61 4.51 -14.59
CA LYS A 429 17.86 5.20 -13.34
C LYS A 429 16.63 6.00 -12.89
N ARG A 430 16.00 6.72 -13.83
CA ARG A 430 14.84 7.51 -13.47
C ARG A 430 13.67 6.63 -13.03
N ALA A 431 13.48 5.48 -13.68
CA ALA A 431 12.42 4.58 -13.28
C ALA A 431 12.68 3.97 -11.91
N MET A 432 13.91 3.54 -11.65
CA MET A 432 14.24 3.01 -10.33
C MET A 432 14.18 4.07 -9.24
N SER A 433 14.33 5.34 -9.60
CA SER A 433 14.16 6.41 -8.62
C SER A 433 12.75 6.45 -8.03
N PHE A 434 11.76 5.94 -8.75
CA PHE A 434 10.38 5.95 -8.29
C PHE A 434 10.01 4.73 -7.47
N SER A 435 10.91 3.75 -7.35
CA SER A 435 10.64 2.52 -6.61
C SER A 435 11.25 2.53 -5.21
N ASP A 436 11.79 3.67 -4.77
CA ASP A 436 12.41 3.74 -3.45
C ASP A 436 11.38 3.54 -2.34
N GLN A 437 10.18 4.10 -2.51
CA GLN A 437 9.17 4.01 -1.45
C GLN A 437 8.78 2.56 -1.19
N ALA A 438 8.63 1.77 -2.24
CA ALA A 438 8.29 0.35 -2.06
C ALA A 438 9.40 -0.38 -1.32
N ARG A 439 10.66 -0.07 -1.63
CA ARG A 439 11.78 -0.70 -0.94
C ARG A 439 11.79 -0.33 0.55
N MET A 440 11.53 0.94 0.85
CA MET A 440 11.46 1.34 2.26
C MET A 440 10.30 0.66 2.97
N ASP A 441 9.16 0.49 2.29
CA ASP A 441 8.03 -0.21 2.87
C ASP A 441 8.37 -1.67 3.16
N ILE A 442 9.08 -2.32 2.23
CA ILE A 442 9.47 -3.72 2.45
C ILE A 442 10.49 -3.81 3.59
N GLU A 443 11.37 -2.82 3.71
CA GLU A 443 12.31 -2.80 4.83
C GLU A 443 11.57 -2.67 6.16
N LEU A 444 10.55 -1.79 6.20
CA LEU A 444 9.74 -1.67 7.41
C LEU A 444 9.01 -2.97 7.72
N ALA A 445 8.50 -3.65 6.69
CA ALA A 445 7.85 -4.94 6.91
C ALA A 445 8.82 -5.96 7.48
N LYS A 446 10.06 -5.98 6.97
CA LYS A 446 11.07 -6.89 7.49
C LYS A 446 11.41 -6.57 8.95
N THR A 447 11.47 -5.27 9.28
CA THR A 447 11.69 -4.88 10.67
C THR A 447 10.55 -5.37 11.56
N LEU A 448 9.31 -5.26 11.08
CA LEU A 448 8.17 -5.75 11.83
C LEU A 448 8.23 -7.25 12.02
N VAL A 449 8.66 -7.98 10.98
CA VAL A 449 8.81 -9.43 11.10
C VAL A 449 9.87 -9.77 12.14
N LEU A 450 10.97 -9.01 12.16
CA LEU A 450 12.00 -9.23 13.17
C LEU A 450 11.47 -8.99 14.58
N ILE A 451 10.70 -7.91 14.75
CA ILE A 451 10.10 -7.62 16.05
C ILE A 451 9.16 -8.74 16.47
N LEU A 452 8.36 -9.23 15.52
CA LEU A 452 7.43 -10.31 15.81
C LEU A 452 8.14 -11.58 16.22
N VAL A 453 9.23 -11.94 15.52
CA VAL A 453 9.95 -13.15 15.86
C VAL A 453 10.65 -13.01 17.22
N VAL A 454 11.16 -11.82 17.53
CA VAL A 454 11.74 -11.59 18.85
C VAL A 454 10.69 -11.75 19.93
N LEU A 455 9.49 -11.19 19.70
CA LEU A 455 8.41 -11.35 20.67
C LEU A 455 8.03 -12.81 20.85
N ILE A 456 7.98 -13.57 19.74
CA ILE A 456 7.64 -14.98 19.82
C ILE A 456 8.68 -15.74 20.63
N ILE A 457 9.96 -15.50 20.36
CA ILE A 457 11.02 -16.19 21.11
C ILE A 457 10.93 -15.84 22.59
N CYS A 458 10.69 -14.57 22.91
CA CYS A 458 10.64 -14.16 24.31
C CYS A 458 9.44 -14.75 25.04
N TRP A 459 8.28 -14.79 24.40
CA TRP A 459 7.05 -15.19 25.07
C TRP A 459 6.64 -16.64 24.79
N GLY A 460 7.49 -17.42 24.12
CA GLY A 460 7.17 -18.79 23.83
C GLY A 460 7.08 -19.70 25.04
N PRO A 461 8.21 -19.92 25.74
CA PRO A 461 8.20 -20.89 26.85
C PRO A 461 7.20 -20.54 27.95
N LEU A 462 6.98 -19.26 28.21
CA LEU A 462 6.00 -18.88 29.22
C LEU A 462 4.60 -19.33 28.83
N LEU A 463 4.21 -19.11 27.57
CA LEU A 463 2.90 -19.55 27.11
C LEU A 463 2.83 -21.08 27.06
N ALA A 464 3.93 -21.75 26.72
CA ALA A 464 3.93 -23.20 26.74
C ALA A 464 3.69 -23.75 28.14
N ILE A 465 4.35 -23.15 29.13
CA ILE A 465 4.15 -23.57 30.52
C ILE A 465 2.72 -23.28 30.96
N MET A 466 2.18 -22.14 30.51
CA MET A 466 0.79 -21.81 30.85
C MET A 466 -0.19 -22.81 30.25
N VAL A 467 0.07 -23.25 29.02
CA VAL A 467 -0.77 -24.28 28.40
C VAL A 467 -0.64 -25.60 29.17
N TYR A 468 0.59 -25.96 29.56
CA TYR A 468 0.78 -27.17 30.36
C TYR A 468 0.01 -27.08 31.67
N ASP A 469 -0.04 -25.89 32.27
CA ASP A 469 -0.92 -25.64 33.40
C ASP A 469 -2.37 -25.92 33.04
N VAL A 470 -2.84 -25.37 31.92
CA VAL A 470 -4.24 -25.55 31.54
C VAL A 470 -4.52 -27.02 31.25
N PHE A 471 -3.62 -27.68 30.52
CA PHE A 471 -3.79 -29.08 30.14
C PHE A 471 -2.99 -29.95 31.12
N GLY A 472 -3.62 -30.31 32.23
CA GLY A 472 -3.00 -31.23 33.18
C GLY A 472 -2.50 -30.59 34.46
N LYS A 473 -1.48 -31.20 35.05
CA LYS A 473 -0.92 -30.76 36.32
C LYS A 473 0.56 -30.42 36.13
N MET A 474 1.25 -30.16 37.23
CA MET A 474 2.64 -29.74 37.19
C MET A 474 3.40 -30.35 38.35
N ASN A 475 4.72 -30.22 38.29
CA ASN A 475 5.62 -30.46 39.42
C ASN A 475 6.28 -29.15 39.81
N LYS A 476 7.05 -29.18 40.89
CA LYS A 476 7.75 -27.98 41.34
C LYS A 476 8.80 -27.52 40.34
N LEU A 477 9.35 -28.45 39.55
CA LEU A 477 10.36 -28.09 38.56
C LEU A 477 9.78 -27.18 37.49
N ILE A 478 8.55 -27.47 37.05
CA ILE A 478 7.92 -26.63 36.04
C ILE A 478 7.65 -25.24 36.58
N LYS A 479 7.21 -25.15 37.84
CA LYS A 479 7.01 -23.84 38.46
C LYS A 479 8.32 -23.08 38.56
N THR A 480 9.41 -23.77 38.92
CA THR A 480 10.71 -23.11 39.03
C THR A 480 11.17 -22.59 37.68
N VAL A 481 11.07 -23.41 36.64
CA VAL A 481 11.52 -22.97 35.32
C VAL A 481 10.63 -21.86 34.79
N PHE A 482 9.33 -21.89 35.13
CA PHE A 482 8.45 -20.79 34.75
C PHE A 482 8.86 -19.49 35.43
N ALA A 483 9.18 -19.55 36.73
CA ALA A 483 9.63 -18.36 37.44
C ALA A 483 10.94 -17.85 36.86
N PHE A 484 11.82 -18.76 36.40
CA PHE A 484 13.07 -18.34 35.81
C PHE A 484 12.87 -17.73 34.42
N CYS A 485 11.96 -18.28 33.63
CA CYS A 485 11.71 -17.79 32.28
C CYS A 485 10.82 -16.57 32.24
N SER A 486 10.18 -16.21 33.37
CA SER A 486 9.33 -15.02 33.40
C SER A 486 10.09 -13.73 33.15
N MET A 487 11.43 -13.75 33.24
CA MET A 487 12.22 -12.56 32.95
C MET A 487 12.38 -12.29 31.46
N LEU A 488 12.03 -13.26 30.61
CA LEU A 488 12.13 -13.04 29.17
C LEU A 488 11.22 -11.91 28.70
N CYS A 489 10.13 -11.66 29.43
CA CYS A 489 9.28 -10.51 29.12
C CYS A 489 10.05 -9.20 29.30
N LEU A 490 10.79 -9.09 30.41
CA LEU A 490 11.58 -7.90 30.64
C LEU A 490 12.72 -7.79 29.63
N LEU A 491 13.31 -8.93 29.24
CA LEU A 491 14.31 -8.90 28.18
C LEU A 491 13.72 -8.42 26.86
N ASN A 492 12.49 -8.84 26.54
CA ASN A 492 11.82 -8.35 25.33
C ASN A 492 11.61 -6.84 25.41
N SER A 493 11.13 -6.36 26.55
CA SER A 493 10.95 -4.92 26.72
C SER A 493 12.29 -4.18 26.65
N THR A 494 13.38 -4.86 27.01
CA THR A 494 14.70 -4.26 26.88
C THR A 494 15.12 -4.16 25.42
N VAL A 495 14.92 -5.23 24.66
CA VAL A 495 15.49 -5.31 23.32
C VAL A 495 14.63 -4.64 22.25
N ASN A 496 13.34 -4.42 22.51
CA ASN A 496 12.52 -3.75 21.50
C ASN A 496 13.01 -2.36 21.13
N PRO A 497 13.32 -1.46 22.09
CA PRO A 497 13.87 -0.15 21.69
C PRO A 497 15.19 -0.27 20.96
N ILE A 498 16.00 -1.27 21.26
CA ILE A 498 17.25 -1.48 20.54
C ILE A 498 16.96 -1.78 19.07
N ILE A 499 15.96 -2.62 18.81
CA ILE A 499 15.57 -2.92 17.43
C ILE A 499 15.08 -1.66 16.74
N TYR A 500 14.23 -0.88 17.43
CA TYR A 500 13.70 0.35 16.83
C TYR A 500 14.82 1.31 16.47
N ALA A 501 15.81 1.45 17.35
CA ALA A 501 16.92 2.38 17.09
C ALA A 501 17.82 1.85 15.97
N LEU A 502 18.09 0.55 15.94
CA LEU A 502 19.01 0.01 14.95
C LEU A 502 18.41 0.00 13.56
N ARG A 503 17.11 -0.25 13.45
CA ARG A 503 16.49 -0.44 12.14
C ARG A 503 16.09 0.88 11.49
N SER A 504 15.27 1.68 12.16
CA SER A 504 14.69 2.87 11.53
C SER A 504 15.66 4.03 11.58
N LYS A 505 15.93 4.62 10.41
CA LYS A 505 16.81 5.79 10.34
C LYS A 505 16.10 7.06 10.80
N ASP A 506 14.77 7.14 10.62
CA ASP A 506 14.05 8.34 11.02
C ASP A 506 14.11 8.55 12.52
N LEU A 507 13.97 7.48 13.31
CA LEU A 507 14.06 7.62 14.76
C LEU A 507 15.45 8.06 15.18
N ARG A 508 16.50 7.52 14.55
CA ARG A 508 17.85 7.95 14.86
C ARG A 508 18.04 9.43 14.52
N HIS A 509 17.54 9.87 13.37
CA HIS A 509 17.64 11.27 13.00
C HIS A 509 16.93 12.16 14.00
N ALA A 510 15.73 11.76 14.43
CA ALA A 510 15.01 12.54 15.43
C ALA A 510 15.78 12.59 16.75
N PHE A 511 16.35 11.46 17.16
CA PHE A 511 17.09 11.41 18.42
C PHE A 511 18.30 12.33 18.38
N ARG A 512 19.04 12.32 17.26
CA ARG A 512 20.16 13.24 17.12
C ARG A 512 19.69 14.69 17.05
N SER A 513 18.53 14.94 16.46
CA SER A 513 17.99 16.30 16.42
C SER A 513 17.68 16.81 17.83
N MET A 514 17.10 15.96 18.67
CA MET A 514 16.81 16.36 20.05
C MET A 514 18.08 16.62 20.86
N PHE A 515 19.17 15.93 20.53
CA PHE A 515 20.42 16.11 21.27
C PHE A 515 21.03 17.48 20.98
N VAL B 2 -17.98 -3.41 -8.38
CA VAL B 2 -18.52 -2.37 -7.52
C VAL B 2 -19.87 -1.90 -8.06
N GLN B 3 -20.50 -0.98 -7.33
CA GLN B 3 -21.77 -0.40 -7.74
C GLN B 3 -21.70 1.12 -7.64
N LEU B 4 -22.38 1.79 -8.55
CA LEU B 4 -22.37 3.25 -8.62
C LEU B 4 -23.80 3.77 -8.61
N GLN B 5 -24.06 4.75 -7.76
CA GLN B 5 -25.35 5.42 -7.67
C GLN B 5 -25.21 6.85 -8.14
N GLU B 6 -26.08 7.27 -9.06
CA GLU B 6 -26.00 8.56 -9.72
C GLU B 6 -27.19 9.41 -9.34
N SER B 7 -26.97 10.73 -9.25
CA SER B 7 -28.05 11.66 -8.98
C SER B 7 -27.66 13.04 -9.50
N GLY B 8 -28.67 13.89 -9.68
CA GLY B 8 -28.46 15.27 -10.06
C GLY B 8 -28.98 15.66 -11.43
N GLY B 9 -29.37 14.71 -12.29
CA GLY B 9 -29.85 15.06 -13.61
C GLY B 9 -31.22 15.73 -13.56
N GLY B 10 -31.49 16.52 -14.60
CA GLY B 10 -32.77 17.20 -14.68
C GLY B 10 -32.73 18.33 -15.68
N LEU B 11 -33.94 18.84 -15.98
CA LEU B 11 -34.08 19.94 -16.91
C LEU B 11 -33.65 21.25 -16.28
N VAL B 12 -33.14 22.15 -17.12
CA VAL B 12 -32.70 23.47 -16.65
C VAL B 12 -32.73 24.45 -17.80
N GLN B 13 -32.91 25.74 -17.46
CA GLN B 13 -32.81 26.82 -18.43
C GLN B 13 -31.38 26.98 -18.92
N ALA B 14 -31.26 27.53 -20.13
CA ALA B 14 -29.94 27.79 -20.69
C ALA B 14 -29.19 28.83 -19.84
N GLY B 15 -27.90 28.59 -19.65
CA GLY B 15 -27.08 29.47 -18.85
C GLY B 15 -27.11 29.21 -17.37
N GLY B 16 -27.83 28.20 -16.91
CA GLY B 16 -27.91 27.89 -15.49
C GLY B 16 -26.69 27.19 -14.96
N SER B 17 -26.87 26.40 -13.90
CA SER B 17 -25.76 25.69 -13.28
C SER B 17 -26.30 24.49 -12.52
N LEU B 18 -25.60 23.36 -12.62
CA LEU B 18 -26.02 22.12 -11.97
C LEU B 18 -24.82 21.45 -11.31
N ARG B 19 -25.11 20.40 -10.55
CA ARG B 19 -24.09 19.59 -9.91
C ARG B 19 -24.63 18.17 -9.77
N LEU B 20 -24.04 17.22 -10.49
CA LEU B 20 -24.37 15.82 -10.32
C LEU B 20 -23.40 15.14 -9.37
N SER B 21 -23.89 14.10 -8.70
CA SER B 21 -23.12 13.34 -7.75
C SER B 21 -23.17 11.85 -8.09
N CYS B 22 -22.07 11.16 -7.80
CA CYS B 22 -21.96 9.73 -8.06
C CYS B 22 -21.21 9.09 -6.92
N ALA B 23 -21.83 8.09 -6.29
CA ALA B 23 -21.27 7.42 -5.13
C ALA B 23 -20.95 5.97 -5.48
N ALA B 24 -19.75 5.52 -5.10
CA ALA B 24 -19.29 4.17 -5.39
C ALA B 24 -19.31 3.32 -4.13
N SER B 25 -19.48 2.02 -4.32
CA SER B 25 -19.50 1.04 -3.23
C SER B 25 -18.50 -0.06 -3.56
N GLY B 26 -17.24 0.12 -3.15
CA GLY B 26 -16.19 -0.82 -3.41
C GLY B 26 -15.66 -1.46 -2.13
N THR B 27 -14.74 -2.40 -2.32
CA THR B 27 -14.16 -3.12 -1.19
C THR B 27 -13.04 -2.32 -0.52
N ILE B 28 -11.99 -2.03 -1.28
CA ILE B 28 -10.85 -1.26 -0.78
C ILE B 28 -10.69 -0.04 -1.67
N PHE B 29 -11.03 1.14 -1.13
CA PHE B 29 -10.95 2.44 -1.78
C PHE B 29 -11.88 2.56 -2.97
N GLY B 30 -12.63 1.51 -3.31
CA GLY B 30 -13.45 1.52 -4.50
C GLY B 30 -12.63 1.79 -5.74
N PRO B 31 -13.09 2.74 -6.56
CA PRO B 31 -12.35 3.07 -7.78
C PRO B 31 -11.05 3.80 -7.48
N ASP B 32 -10.08 3.61 -8.37
CA ASP B 32 -8.86 4.41 -8.33
C ASP B 32 -8.96 5.63 -9.23
N VAL B 33 -9.69 5.54 -10.34
CA VAL B 33 -9.95 6.67 -11.22
C VAL B 33 -11.45 6.81 -11.39
N MET B 34 -11.96 8.04 -11.37
CA MET B 34 -13.37 8.29 -11.57
C MET B 34 -13.54 9.22 -12.77
N GLY B 35 -14.70 9.14 -13.41
CA GLY B 35 -14.91 9.95 -14.59
C GLY B 35 -16.38 10.12 -14.92
N TRP B 36 -16.65 11.17 -15.70
CA TRP B 36 -17.98 11.47 -16.19
C TRP B 36 -17.96 11.44 -17.72
N TYR B 37 -18.88 10.69 -18.30
CA TYR B 37 -19.04 10.57 -19.74
C TYR B 37 -20.37 11.16 -20.16
N ARG B 38 -20.46 11.58 -21.41
CA ARG B 38 -21.70 12.13 -21.95
C ARG B 38 -22.05 11.43 -23.26
N GLN B 39 -23.35 11.28 -23.51
CA GLN B 39 -23.84 10.71 -24.76
C GLN B 39 -25.02 11.55 -25.22
N ALA B 40 -24.86 12.23 -26.35
CA ALA B 40 -25.94 12.98 -26.97
C ALA B 40 -26.78 12.06 -27.84
N PRO B 41 -28.05 12.40 -28.04
CA PRO B 41 -28.89 11.58 -28.94
C PRO B 41 -28.31 11.53 -30.34
N GLY B 42 -28.24 10.32 -30.90
CA GLY B 42 -27.62 10.13 -32.19
C GLY B 42 -26.15 10.52 -32.21
N LYS B 43 -25.42 10.17 -31.16
CA LYS B 43 -24.02 10.54 -31.05
C LYS B 43 -23.28 9.49 -30.23
N GLU B 44 -21.97 9.45 -30.41
CA GLU B 44 -21.12 8.47 -29.72
C GLU B 44 -20.77 8.97 -28.33
N ARG B 45 -20.65 8.04 -27.39
CA ARG B 45 -20.30 8.37 -26.02
C ARG B 45 -18.92 9.04 -25.96
N GLU B 46 -18.84 10.12 -25.20
CA GLU B 46 -17.61 10.91 -25.10
C GLU B 46 -17.30 11.18 -23.64
N LEU B 47 -16.01 11.15 -23.31
CA LEU B 47 -15.54 11.45 -21.96
C LEU B 47 -15.56 12.96 -21.74
N VAL B 48 -16.27 13.42 -20.71
CA VAL B 48 -16.40 14.85 -20.48
C VAL B 48 -15.50 15.29 -19.33
N ALA B 49 -15.24 14.39 -18.38
CA ALA B 49 -14.37 14.77 -17.27
C ALA B 49 -13.74 13.52 -16.66
N GLY B 50 -12.60 13.72 -16.03
CA GLY B 50 -11.91 12.63 -15.35
C GLY B 50 -11.12 13.15 -14.18
N ILE B 51 -10.89 12.28 -13.19
CA ILE B 51 -10.18 12.64 -11.98
C ILE B 51 -9.58 11.38 -11.37
N SER B 52 -8.45 11.55 -10.69
CA SER B 52 -7.90 10.51 -9.83
C SER B 52 -7.92 10.93 -8.37
N ASN B 53 -7.26 12.05 -8.04
CA ASN B 53 -7.21 12.60 -6.69
C ASN B 53 -6.61 14.00 -6.76
N GLY B 54 -7.19 14.92 -5.99
CA GLY B 54 -6.67 16.28 -5.95
C GLY B 54 -6.76 16.96 -7.30
N ALA B 55 -5.70 17.67 -7.66
CA ALA B 55 -5.64 18.39 -8.94
C ALA B 55 -5.03 17.54 -10.04
N ASN B 56 -5.55 16.34 -10.21
CA ASN B 56 -5.17 15.44 -11.29
C ASN B 56 -6.28 15.29 -12.32
N THR B 57 -7.10 16.33 -12.46
CA THR B 57 -8.30 16.25 -13.29
C THR B 57 -7.96 16.43 -14.76
N TYR B 58 -8.89 15.98 -15.61
CA TYR B 58 -8.82 16.17 -17.04
C TYR B 58 -10.17 16.63 -17.54
N TYR B 59 -10.18 17.60 -18.45
CA TYR B 59 -11.41 18.18 -18.97
C TYR B 59 -11.39 18.15 -20.49
N ALA B 60 -12.54 17.84 -21.08
CA ALA B 60 -12.68 17.90 -22.53
C ALA B 60 -12.56 19.35 -23.00
N ASP B 61 -12.13 19.51 -24.25
CA ASP B 61 -11.93 20.85 -24.79
C ASP B 61 -13.22 21.64 -24.90
N SER B 62 -14.37 20.97 -24.89
CA SER B 62 -15.66 21.63 -24.99
C SER B 62 -16.23 22.04 -23.64
N VAL B 63 -15.58 21.66 -22.53
CA VAL B 63 -16.09 21.99 -21.20
C VAL B 63 -14.97 22.60 -20.36
N LYS B 64 -13.82 22.84 -20.99
CA LYS B 64 -12.70 23.45 -20.27
C LYS B 64 -13.05 24.87 -19.85
N GLY B 65 -12.94 25.14 -18.55
CA GLY B 65 -13.29 26.43 -17.99
C GLY B 65 -14.71 26.55 -17.49
N ARG B 66 -15.60 25.65 -17.90
CA ARG B 66 -16.99 25.66 -17.46
C ARG B 66 -17.29 24.59 -16.42
N PHE B 67 -16.85 23.36 -16.66
CA PHE B 67 -17.12 22.25 -15.74
C PHE B 67 -16.03 22.17 -14.68
N THR B 68 -16.36 21.53 -13.56
CA THR B 68 -15.40 21.30 -12.50
C THR B 68 -15.73 19.98 -11.82
N ILE B 69 -14.74 19.09 -11.73
CA ILE B 69 -14.91 17.78 -11.13
C ILE B 69 -14.14 17.75 -9.82
N SER B 70 -14.78 17.21 -8.78
CA SER B 70 -14.18 17.11 -7.46
C SER B 70 -14.49 15.74 -6.87
N ARG B 71 -13.68 15.35 -5.89
CA ARG B 71 -13.82 14.05 -5.25
C ARG B 71 -13.73 14.20 -3.74
N ASP B 72 -14.58 13.46 -3.03
CA ASP B 72 -14.54 13.40 -1.57
C ASP B 72 -14.26 11.97 -1.15
N ASN B 73 -13.17 11.79 -0.40
CA ASN B 73 -12.78 10.47 0.07
C ASN B 73 -13.49 10.05 1.35
N ALA B 74 -14.13 10.99 2.05
CA ALA B 74 -14.88 10.63 3.25
C ALA B 74 -16.04 9.71 2.91
N LYS B 75 -16.76 10.01 1.83
CA LYS B 75 -17.82 9.16 1.33
C LYS B 75 -17.44 8.43 0.06
N ASN B 76 -16.23 8.67 -0.46
CA ASN B 76 -15.75 8.07 -1.71
C ASN B 76 -16.74 8.31 -2.84
N THR B 77 -16.93 9.59 -3.14
CA THR B 77 -17.90 10.03 -4.15
C THR B 77 -17.28 11.12 -5.01
N VAL B 78 -17.88 11.35 -6.17
CA VAL B 78 -17.41 12.32 -7.14
C VAL B 78 -18.55 13.26 -7.49
N TYR B 79 -18.26 14.55 -7.53
CA TYR B 79 -19.21 15.58 -7.94
C TYR B 79 -18.72 16.25 -9.22
N LEU B 80 -19.67 16.60 -10.08
CA LEU B 80 -19.39 17.34 -11.31
C LEU B 80 -20.32 18.56 -11.33
N GLN B 81 -19.74 19.75 -11.21
CA GLN B 81 -20.49 20.99 -11.15
C GLN B 81 -20.23 21.79 -12.42
N MET B 82 -21.31 22.15 -13.13
CA MET B 82 -21.21 22.93 -14.35
C MET B 82 -21.94 24.25 -14.20
N ASN B 83 -21.36 25.31 -14.76
CA ASN B 83 -21.95 26.63 -14.78
C ASN B 83 -21.99 27.13 -16.22
N SER B 84 -22.90 28.06 -16.48
CA SER B 84 -23.09 28.66 -17.81
C SER B 84 -23.35 27.59 -18.86
N LEU B 85 -24.44 26.84 -18.64
CA LEU B 85 -24.78 25.74 -19.52
C LEU B 85 -25.26 26.26 -20.88
N LYS B 86 -25.15 25.39 -21.89
CA LYS B 86 -25.56 25.69 -23.24
C LYS B 86 -26.48 24.60 -23.76
N PRO B 87 -27.32 24.91 -24.75
CA PRO B 87 -28.22 23.88 -25.32
C PRO B 87 -27.48 22.69 -25.88
N GLU B 88 -26.22 22.88 -26.26
CA GLU B 88 -25.39 21.80 -26.78
C GLU B 88 -25.07 20.75 -25.71
N ASP B 89 -25.21 21.11 -24.43
CA ASP B 89 -24.81 20.24 -23.34
C ASP B 89 -25.87 19.22 -22.95
N THR B 90 -27.03 19.23 -23.62
CA THR B 90 -28.08 18.28 -23.30
C THR B 90 -27.67 16.87 -23.74
N ALA B 91 -27.67 15.93 -22.80
CA ALA B 91 -27.20 14.57 -23.08
C ALA B 91 -27.48 13.70 -21.85
N VAL B 92 -27.22 12.41 -22.01
CA VAL B 92 -27.27 11.47 -20.89
C VAL B 92 -25.85 11.34 -20.33
N TYR B 93 -25.72 11.56 -19.02
CA TYR B 93 -24.42 11.53 -18.36
C TYR B 93 -24.25 10.22 -17.60
N TYR B 94 -23.09 9.60 -17.76
CA TYR B 94 -22.75 8.35 -17.11
C TYR B 94 -21.56 8.55 -16.17
N CYS B 95 -21.54 7.77 -15.09
CA CYS B 95 -20.45 7.77 -14.13
C CYS B 95 -19.63 6.50 -14.33
N ALA B 96 -18.32 6.66 -14.57
CA ALA B 96 -17.43 5.55 -14.82
C ALA B 96 -16.38 5.47 -13.72
N ALA B 97 -16.05 4.24 -13.34
CA ALA B 97 -15.08 3.98 -12.29
C ALA B 97 -14.08 2.94 -12.78
N GLU B 98 -12.80 3.28 -12.73
CA GLU B 98 -11.73 2.42 -13.20
C GLU B 98 -10.88 1.98 -12.03
N VAL B 99 -10.72 0.67 -11.86
CA VAL B 99 -9.82 0.07 -10.89
C VAL B 99 -8.71 -0.58 -11.69
N LEU B 100 -7.49 -0.06 -11.57
CA LEU B 100 -6.36 -0.52 -12.37
C LEU B 100 -5.29 -1.13 -11.49
N ASP B 101 -4.58 -2.10 -12.05
CA ASP B 101 -3.56 -2.85 -11.33
C ASP B 101 -2.23 -2.09 -11.35
N TYR B 102 -1.40 -2.38 -10.35
CA TYR B 102 -0.07 -1.80 -10.25
C TYR B 102 1.02 -2.72 -10.78
N THR B 103 0.87 -4.03 -10.59
CA THR B 103 1.86 -4.99 -11.09
C THR B 103 1.78 -5.18 -12.60
N PHE B 104 0.72 -4.72 -13.24
CA PHE B 104 0.57 -4.85 -14.69
C PHE B 104 -0.27 -3.67 -15.17
N ALA B 105 0.36 -2.74 -15.89
CA ALA B 105 -0.31 -1.52 -16.31
C ALA B 105 -1.40 -1.79 -17.35
N TYR B 106 -1.36 -2.93 -18.03
CA TYR B 106 -2.33 -3.23 -19.07
C TYR B 106 -3.64 -3.77 -18.52
N LEU B 107 -3.68 -4.15 -17.24
CA LEU B 107 -4.87 -4.75 -16.63
C LEU B 107 -5.68 -3.67 -15.93
N TYR B 108 -6.98 -3.65 -16.20
CA TYR B 108 -7.88 -2.69 -15.56
C TYR B 108 -9.30 -3.24 -15.62
N HIS B 109 -10.16 -2.69 -14.78
CA HIS B 109 -11.58 -3.01 -14.75
C HIS B 109 -12.37 -1.72 -14.74
N ALA B 110 -13.44 -1.68 -15.54
CA ALA B 110 -14.27 -0.50 -15.68
C ALA B 110 -15.71 -0.82 -15.29
N TYR B 111 -16.32 0.10 -14.56
CA TYR B 111 -17.71 -0.03 -14.13
C TYR B 111 -18.47 1.23 -14.51
N TRP B 112 -19.73 1.06 -14.88
CA TRP B 112 -20.55 2.16 -15.38
C TRP B 112 -21.83 2.28 -14.56
N GLY B 113 -22.39 3.48 -14.55
CA GLY B 113 -23.62 3.75 -13.87
C GLY B 113 -24.84 3.63 -14.77
N GLN B 114 -26.01 3.96 -14.20
CA GLN B 114 -27.26 3.88 -14.95
C GLN B 114 -27.40 5.02 -15.94
N GLY B 115 -26.90 6.20 -15.62
CA GLY B 115 -27.01 7.35 -16.49
C GLY B 115 -28.19 8.23 -16.17
N THR B 116 -27.99 9.54 -16.19
CA THR B 116 -29.03 10.50 -15.87
C THR B 116 -29.15 11.54 -16.98
N GLN B 117 -30.39 11.95 -17.26
CA GLN B 117 -30.65 12.89 -18.34
C GLN B 117 -30.41 14.32 -17.88
N VAL B 118 -29.79 15.12 -18.75
CA VAL B 118 -29.61 16.55 -18.52
C VAL B 118 -30.08 17.27 -19.78
N THR B 119 -31.12 18.09 -19.64
CA THR B 119 -31.71 18.82 -20.77
C THR B 119 -31.62 20.31 -20.48
N VAL B 120 -30.81 21.01 -21.27
CA VAL B 120 -30.74 22.47 -21.22
C VAL B 120 -31.70 23.00 -22.28
N SER B 121 -32.71 23.75 -21.85
CA SER B 121 -33.75 24.25 -22.74
C SER B 121 -33.74 25.78 -22.71
N SER B 122 -33.79 26.39 -23.88
CA SER B 122 -33.89 27.84 -24.02
C SER B 122 -35.34 28.32 -24.06
N HIS B 123 -36.28 27.53 -23.57
CA HIS B 123 -37.68 27.90 -23.62
C HIS B 123 -37.95 29.09 -22.71
N HIS B 124 -38.83 29.98 -23.16
CA HIS B 124 -39.21 31.15 -22.38
C HIS B 124 -40.71 31.42 -22.51
CAA A1AKN C . 12.44 -13.02 39.37
CAB A1AKN C . 12.80 -14.35 39.19
CAC A1AKN C . 14.09 -14.66 38.77
CAD A1AKN C . 15.01 -13.66 38.53
CAE A1AKN C . 14.65 -12.33 38.70
CAF A1AKN C . 13.37 -12.01 39.11
CAG A1AKN C . 16.30 -13.98 38.10
CAL A1AKN C . 8.76 -12.90 38.41
CAO A1AKN C . 8.55 -11.56 36.41
CAP A1AKN C . 7.49 -11.49 35.33
CAQ A1AKN C . 6.55 -12.39 35.78
CAS A1AKN C . 7.36 -14.62 39.48
CAV A1AKN C . 5.29 -15.46 38.80
CAW A1AKN C . 4.18 -15.42 37.76
CBB A1AKN C . 6.97 -10.20 35.25
CBC A1AKN C . 5.42 -12.63 35.09
CBD A1AKN C . 6.25 -9.66 36.29
CBE A1AKN C . 5.72 -8.38 36.20
CBF A1AKN C . 5.93 -7.63 35.04
CBG A1AKN C . 6.66 -8.17 33.99
CBH A1AKN C . 7.18 -9.46 34.10
CBI A1AKN C . 4.20 -12.72 35.74
CBJ A1AKN C . 3.04 -12.97 35.03
CBK A1AKN C . 3.09 -13.12 33.66
CBL A1AKN C . 4.31 -13.03 32.99
CBM A1AKN C . 5.47 -12.78 33.71
FAY A1AKN C . 16.67 -15.12 38.65
FAZ A1AKN C . 17.13 -13.01 38.47
FBA A1AKN C . 16.31 -14.09 36.78
NAI A1AKN C . 9.92 -12.25 38.57
NAM A1AKN C . 8.42 -13.81 39.34
NAN A1AKN C . 8.02 -12.59 37.33
NAR A1AKN C . 6.90 -13.01 36.91
NAT A1AKN C . 6.34 -14.64 38.61
NAU A1AKN C . 7.31 -15.43 40.54
OAJ A1AKN C . 10.23 -13.81 40.63
OAK A1AKN C . 10.90 -11.40 40.81
OAX A1AKN C . 5.25 -16.21 39.77
SAH A1AKN C . 10.84 -12.62 39.88
CLBN A1AKN C . 1.65 -13.42 32.76
#